data_5VCU
#
_entry.id   5VCU
#
_cell.length_a   48.380
_cell.length_b   48.380
_cell.length_c   624.560
_cell.angle_alpha   90.000
_cell.angle_beta   90.000
_cell.angle_gamma   120.000
#
_symmetry.space_group_name_H-M   'P 65 2 2'
#
loop_
_entity.id
_entity.type
_entity.pdbx_description
1 polymer 'Ras-related c3 botulinum toxin substrate 1 isoform x2'
2 non-polymer "GUANOSINE-5'-DIPHOSPHATE"
3 non-polymer 'MAGNESIUM ION'
4 water water
#
_entity_poly.entity_id   1
_entity_poly.type   'polypeptide(L)'
_entity_poly.pdbx_seq_one_letter_code
;MAHHHHHHMESIKCVVVGDGAVGKTALLIAYSSGCFPEDYVPTVFDNYNKNIPYGDGIVSIALYDTAGQEDYDRLRPLSY
PDTDVFLVCFSLENPNSLENCHSKWAEELKHYNPDTPIVLVGTKLDLKKDEEYVKKLKEKKISPVTTEQGQEMKDKIKAC
GYIECSAKTMENLTEAFNMAIDIAMKQRLKDAPPTANARNQKKKCQLL
;
_entity_poly.pdbx_strand_id   A,B
#
# COMPACT_ATOMS: atom_id res chain seq x y z
N MET A 9 19.63 -8.01 8.87
CA MET A 9 18.37 -8.64 9.28
C MET A 9 17.73 -7.93 10.48
N GLU A 10 16.50 -7.47 10.32
CA GLU A 10 15.72 -6.88 11.40
C GLU A 10 14.45 -7.68 11.61
N SER A 11 14.03 -7.76 12.87
CA SER A 11 12.84 -8.51 13.26
CA SER A 11 12.85 -8.52 13.26
CA SER A 11 12.84 -8.52 13.25
C SER A 11 11.77 -7.57 13.77
N ILE A 12 10.52 -7.82 13.37
CA ILE A 12 9.37 -7.04 13.86
C ILE A 12 8.27 -8.00 14.28
N LYS A 13 7.48 -7.57 15.25
CA LYS A 13 6.36 -8.36 15.76
C LYS A 13 5.06 -7.67 15.39
N CYS A 14 4.16 -8.41 14.75
CA CYS A 14 2.88 -7.88 14.28
C CYS A 14 1.77 -8.76 14.84
N VAL A 15 0.83 -8.14 15.54
CA VAL A 15 -0.30 -8.84 16.18
C VAL A 15 -1.58 -8.40 15.50
N VAL A 16 -2.43 -9.36 15.15
CA VAL A 16 -3.65 -9.10 14.38
C VAL A 16 -4.84 -9.22 15.33
N VAL A 17 -5.64 -8.15 15.44
CA VAL A 17 -6.80 -8.13 16.33
C VAL A 17 -8.02 -7.68 15.52
N GLY A 18 -9.19 -7.78 16.15
CA GLY A 18 -10.45 -7.42 15.52
C GLY A 18 -11.53 -8.45 15.87
N ASP A 19 -12.78 -8.08 15.61
CA ASP A 19 -13.93 -8.92 15.98
C ASP A 19 -13.83 -10.33 15.42
N GLY A 20 -14.50 -11.26 16.10
CA GLY A 20 -14.62 -12.61 15.55
C GLY A 20 -15.23 -12.57 14.16
N ALA A 21 -14.73 -13.44 13.28
CA ALA A 21 -15.23 -13.73 11.94
C ALA A 21 -14.91 -12.66 10.90
N VAL A 22 -14.12 -11.63 11.23
CA VAL A 22 -13.81 -10.63 10.21
C VAL A 22 -12.77 -11.15 9.22
N GLY A 23 -12.05 -12.22 9.54
CA GLY A 23 -11.10 -12.81 8.63
C GLY A 23 -9.65 -12.73 9.07
N LYS A 24 -9.39 -12.60 10.36
CA LYS A 24 -7.99 -12.50 10.83
C LYS A 24 -7.20 -13.76 10.47
N THR A 25 -7.75 -14.92 10.76
CA THR A 25 -7.00 -16.15 10.51
C THR A 25 -6.80 -16.37 9.02
N ALA A 26 -7.83 -16.10 8.21
CA ALA A 26 -7.70 -16.29 6.77
C ALA A 26 -6.67 -15.32 6.20
N LEU A 27 -6.64 -14.10 6.72
CA LEU A 27 -5.62 -13.12 6.34
C LEU A 27 -4.21 -13.68 6.58
N LEU A 28 -3.99 -14.25 7.76
CA LEU A 28 -2.66 -14.76 8.09
C LEU A 28 -2.31 -16.01 7.30
N ILE A 29 -3.28 -16.91 7.10
CA ILE A 29 -2.99 -18.09 6.31
C ILE A 29 -2.70 -17.72 4.86
N ALA A 30 -3.46 -16.77 4.30
CA ALA A 30 -3.21 -16.35 2.93
C ALA A 30 -1.82 -15.73 2.78
N TYR A 31 -1.41 -14.91 3.75
CA TYR A 31 -0.07 -14.31 3.70
C TYR A 31 1.02 -15.38 3.87
N SER A 32 0.78 -16.35 4.75
CA SER A 32 1.77 -17.40 5.01
C SER A 32 1.95 -18.30 3.79
N SER A 33 0.85 -18.71 3.16
CA SER A 33 0.86 -19.78 2.17
C SER A 33 0.66 -19.31 0.74
N GLY A 34 0.11 -18.12 0.54
CA GLY A 34 -0.23 -17.64 -0.78
C GLY A 34 -1.60 -18.06 -1.29
N CYS A 35 -2.34 -18.85 -0.51
CA CYS A 35 -3.65 -19.34 -0.91
C CYS A 35 -4.66 -19.07 0.19
N PHE A 36 -5.87 -18.71 -0.22
CA PHE A 36 -7.00 -18.69 0.70
C PHE A 36 -7.18 -20.08 1.31
N PRO A 37 -7.40 -20.19 2.64
CA PRO A 37 -7.50 -21.51 3.28
C PRO A 37 -8.41 -22.49 2.57
N GLU A 38 -7.80 -23.58 2.08
CA GLU A 38 -8.49 -24.60 1.31
C GLU A 38 -9.15 -25.66 2.17
N ASP A 39 -8.70 -25.86 3.41
CA ASP A 39 -9.28 -26.88 4.28
C ASP A 39 -9.74 -26.28 5.60
N TYR A 40 -9.58 -27.04 6.69
CA TYR A 40 -10.03 -26.59 8.00
C TYR A 40 -9.25 -25.35 8.43
N VAL A 41 -9.97 -24.35 8.90
CA VAL A 41 -9.39 -23.10 9.38
C VAL A 41 -9.41 -23.12 10.90
N PRO A 42 -8.27 -22.96 11.58
CA PRO A 42 -8.30 -22.95 13.04
C PRO A 42 -8.89 -21.65 13.56
N THR A 43 -9.28 -21.66 14.85
CA THR A 43 -9.71 -20.43 15.49
C THR A 43 -8.58 -19.42 15.54
N VAL A 44 -7.39 -19.85 15.98
CA VAL A 44 -6.23 -18.97 16.09
C VAL A 44 -5.06 -19.70 15.43
N PHE A 45 -4.49 -19.06 14.39
CA PHE A 45 -3.35 -19.62 13.68
C PHE A 45 -2.09 -19.55 14.54
N ASP A 46 -1.28 -20.62 14.50
CA ASP A 46 -0.01 -20.60 15.22
C ASP A 46 0.88 -19.49 14.64
N ASN A 47 1.64 -18.83 15.52
CA ASN A 47 2.47 -17.72 15.06
C ASN A 47 3.58 -18.23 14.17
N TYR A 48 4.01 -17.40 13.21
CA TYR A 48 4.99 -17.82 12.23
C TYR A 48 5.77 -16.61 11.75
N ASN A 49 6.81 -16.88 10.96
CA ASN A 49 7.72 -15.84 10.51
CA ASN A 49 7.74 -15.87 10.51
C ASN A 49 7.81 -15.84 8.99
N LYS A 50 8.01 -14.65 8.44
CA LYS A 50 8.22 -14.48 7.00
C LYS A 50 9.35 -13.47 6.79
N ASN A 51 10.20 -13.73 5.79
CA ASN A 51 11.32 -12.85 5.46
C ASN A 51 10.94 -11.99 4.25
N ILE A 52 11.01 -10.67 4.40
CA ILE A 52 10.50 -9.73 3.40
C ILE A 52 11.59 -8.72 3.04
N PRO A 53 11.84 -8.46 1.75
CA PRO A 53 12.81 -7.41 1.41
C PRO A 53 12.29 -6.03 1.80
N TYR A 54 13.18 -5.23 2.39
CA TYR A 54 12.81 -3.90 2.85
C TYR A 54 14.05 -3.02 2.78
N GLY A 55 14.04 -2.03 1.89
CA GLY A 55 15.28 -1.29 1.74
C GLY A 55 16.39 -2.20 1.24
N ASP A 56 17.63 -1.89 1.65
CA ASP A 56 18.79 -2.70 1.34
C ASP A 56 18.90 -3.94 2.24
N GLY A 57 17.82 -4.34 2.91
CA GLY A 57 17.92 -5.43 3.86
C GLY A 57 16.75 -6.38 3.82
N ILE A 58 16.64 -7.23 4.85
CA ILE A 58 15.55 -8.19 4.98
C ILE A 58 14.90 -7.99 6.33
N VAL A 59 13.57 -7.92 6.35
CA VAL A 59 12.80 -7.86 7.59
C VAL A 59 12.19 -9.23 7.82
N SER A 60 12.39 -9.77 9.02
CA SER A 60 11.70 -10.98 9.46
C SER A 60 10.48 -10.56 10.28
N ILE A 61 9.29 -10.75 9.74
CA ILE A 61 8.07 -10.34 10.42
C ILE A 61 7.46 -11.55 11.09
N ALA A 62 7.23 -11.45 12.40
CA ALA A 62 6.63 -12.51 13.20
C ALA A 62 5.16 -12.15 13.43
N LEU A 63 4.26 -13.03 13.01
CA LEU A 63 2.83 -12.73 12.92
C LEU A 63 2.06 -13.52 13.96
N TYR A 64 1.23 -12.83 14.73
CA TYR A 64 0.49 -13.41 15.83
C TYR A 64 -1.02 -13.24 15.60
N ASP A 65 -1.74 -14.35 15.64
CA ASP A 65 -3.20 -14.36 15.54
C ASP A 65 -3.79 -14.22 16.95
N THR A 66 -5.07 -13.81 17.02
CA THR A 66 -5.74 -13.66 18.31
C THR A 66 -7.18 -14.11 18.22
N ALA A 67 -7.75 -14.45 19.38
CA ALA A 67 -9.19 -14.66 19.52
C ALA A 67 -9.86 -13.35 19.90
N GLY A 68 -10.74 -12.83 19.02
CA GLY A 68 -11.28 -11.50 19.17
C GLY A 68 -12.49 -11.35 20.07
N GLN A 69 -13.11 -12.46 20.50
CA GLN A 69 -14.33 -12.38 21.29
CA GLN A 69 -14.34 -12.39 21.29
C GLN A 69 -14.07 -11.77 22.66
N GLU A 70 -15.12 -11.13 23.23
CA GLU A 70 -14.98 -10.51 24.55
C GLU A 70 -14.63 -11.53 25.63
N ASP A 71 -15.02 -12.80 25.46
CA ASP A 71 -14.64 -13.84 26.41
C ASP A 71 -13.12 -13.90 26.61
N TYR A 72 -12.33 -13.51 25.61
CA TYR A 72 -10.88 -13.60 25.69
C TYR A 72 -10.21 -12.31 26.11
N ASP A 73 -10.97 -11.39 26.71
CA ASP A 73 -10.42 -10.11 27.12
C ASP A 73 -9.20 -10.24 28.03
N ARG A 74 -9.13 -11.28 28.86
CA ARG A 74 -7.95 -11.35 29.73
C ARG A 74 -6.84 -12.22 29.14
N LEU A 75 -7.18 -13.21 28.32
CA LEU A 75 -6.15 -14.06 27.72
C LEU A 75 -5.47 -13.40 26.52
N ARG A 76 -6.25 -12.76 25.65
CA ARG A 76 -5.70 -12.21 24.40
C ARG A 76 -4.56 -11.22 24.64
N PRO A 77 -4.65 -10.26 25.56
CA PRO A 77 -3.55 -9.29 25.73
C PRO A 77 -2.23 -9.89 26.18
N LEU A 78 -2.19 -11.17 26.60
CA LEU A 78 -0.91 -11.79 26.92
C LEU A 78 -0.01 -11.91 25.69
N SER A 79 -0.57 -11.76 24.49
CA SER A 79 0.18 -11.74 23.23
C SER A 79 0.81 -10.39 22.90
N TYR A 80 0.49 -9.35 23.66
CA TYR A 80 0.81 -7.97 23.26
C TYR A 80 2.21 -7.44 23.61
N PRO A 81 2.90 -7.93 24.64
CA PRO A 81 4.23 -7.35 24.94
C PRO A 81 5.18 -7.42 23.75
N ASP A 82 5.94 -6.34 23.56
CA ASP A 82 6.99 -6.22 22.54
C ASP A 82 6.46 -6.23 21.12
N THR A 83 5.17 -5.92 20.93
CA THR A 83 4.63 -5.75 19.59
C THR A 83 5.14 -4.46 18.94
N ASP A 84 5.49 -4.55 17.65
CA ASP A 84 5.94 -3.38 16.90
C ASP A 84 4.82 -2.70 16.12
N VAL A 85 3.80 -3.45 15.72
CA VAL A 85 2.68 -2.87 14.97
C VAL A 85 1.48 -3.81 15.13
N PHE A 86 0.30 -3.23 15.31
CA PHE A 86 -0.95 -3.97 15.34
C PHE A 86 -1.71 -3.79 14.03
N LEU A 87 -2.32 -4.87 13.55
CA LEU A 87 -3.36 -4.78 12.53
C LEU A 87 -4.70 -4.82 13.24
N VAL A 88 -5.49 -3.76 13.10
CA VAL A 88 -6.85 -3.72 13.62
C VAL A 88 -7.78 -3.98 12.44
N CYS A 89 -8.47 -5.11 12.45
CA CYS A 89 -9.21 -5.60 11.29
C CYS A 89 -10.71 -5.46 11.51
N PHE A 90 -11.42 -5.07 10.45
CA PHE A 90 -12.87 -5.09 10.41
C PHE A 90 -13.29 -5.59 9.02
N SER A 91 -14.46 -6.25 8.95
CA SER A 91 -14.95 -6.69 7.65
C SER A 91 -15.63 -5.55 6.91
N LEU A 92 -15.28 -5.39 5.63
CA LEU A 92 -15.91 -4.38 4.79
C LEU A 92 -17.37 -4.66 4.50
N GLU A 93 -17.88 -5.85 4.85
CA GLU A 93 -19.31 -6.08 4.71
C GLU A 93 -20.02 -6.14 6.07
N ASN A 94 -19.36 -5.69 7.15
CA ASN A 94 -19.98 -5.69 8.48
C ASN A 94 -19.69 -4.35 9.17
N PRO A 95 -20.55 -3.35 8.95
CA PRO A 95 -20.34 -2.03 9.59
C PRO A 95 -20.21 -2.10 11.11
N ASN A 96 -20.86 -3.07 11.77
N ASN A 96 -20.83 -3.07 11.79
CA ASN A 96 -20.72 -3.17 13.22
CA ASN A 96 -20.69 -3.11 13.23
C ASN A 96 -19.27 -3.41 13.62
C ASN A 96 -19.25 -3.42 13.64
N SER A 97 -18.53 -4.20 12.84
CA SER A 97 -17.15 -4.53 13.18
C SER A 97 -16.25 -3.31 12.99
N LEU A 98 -16.63 -2.39 12.10
CA LEU A 98 -15.87 -1.14 11.99
C LEU A 98 -16.05 -0.28 13.25
N GLU A 99 -17.29 -0.10 13.69
CA GLU A 99 -17.54 0.71 14.88
C GLU A 99 -16.80 0.15 16.10
N ASN A 100 -16.69 -1.17 16.20
CA ASN A 100 -15.97 -1.78 17.31
C ASN A 100 -14.48 -1.50 17.27
N CYS A 101 -13.94 -1.10 16.11
CA CYS A 101 -12.54 -0.67 16.08
C CYS A 101 -12.33 0.55 16.96
N HIS A 102 -13.35 1.39 17.09
CA HIS A 102 -13.32 2.54 17.98
C HIS A 102 -13.71 2.18 19.41
N SER A 103 -14.86 1.54 19.60
CA SER A 103 -15.35 1.31 20.96
C SER A 103 -14.55 0.23 21.69
N LYS A 104 -13.97 -0.73 20.98
CA LYS A 104 -13.26 -1.84 21.60
CA LYS A 104 -13.26 -1.84 21.62
C LYS A 104 -11.77 -1.82 21.32
N TRP A 105 -11.37 -1.94 20.05
CA TRP A 105 -9.97 -2.25 19.74
C TRP A 105 -9.06 -1.08 20.04
N ALA A 106 -9.44 0.14 19.65
CA ALA A 106 -8.57 1.29 19.92
C ALA A 106 -8.37 1.46 21.42
N GLU A 107 -9.43 1.26 22.20
CA GLU A 107 -9.33 1.46 23.64
C GLU A 107 -8.45 0.39 24.28
N GLU A 108 -8.58 -0.87 23.84
CA GLU A 108 -7.76 -1.95 24.39
C GLU A 108 -6.29 -1.79 24.02
N LEU A 109 -6.00 -1.47 22.75
CA LEU A 109 -4.60 -1.30 22.35
C LEU A 109 -3.96 -0.08 23.00
N LYS A 110 -4.72 0.99 23.22
CA LYS A 110 -4.17 2.15 23.91
C LYS A 110 -3.88 1.83 25.38
N HIS A 111 -4.70 0.97 25.98
CA HIS A 111 -4.50 0.61 27.39
C HIS A 111 -3.22 -0.19 27.58
N TYR A 112 -3.02 -1.23 26.77
CA TYR A 112 -1.89 -2.13 26.95
C TYR A 112 -0.63 -1.62 26.25
N ASN A 113 -0.78 -0.99 25.08
CA ASN A 113 0.34 -0.67 24.21
C ASN A 113 0.18 0.75 23.68
N PRO A 114 0.26 1.75 24.58
CA PRO A 114 -0.07 3.13 24.17
C PRO A 114 0.81 3.69 23.08
N ASP A 115 2.03 3.18 22.91
CA ASP A 115 2.98 3.74 21.96
C ASP A 115 3.08 2.96 20.66
N THR A 116 2.31 1.92 20.50
CA THR A 116 2.51 1.02 19.36
C THR A 116 1.61 1.42 18.20
N PRO A 117 2.15 1.61 16.99
CA PRO A 117 1.32 2.03 15.86
C PRO A 117 0.30 0.97 15.44
N ILE A 118 -0.78 1.46 14.86
CA ILE A 118 -1.89 0.64 14.37
C ILE A 118 -2.06 0.86 12.88
N VAL A 119 -2.35 -0.22 12.15
CA VAL A 119 -2.84 -0.15 10.79
C VAL A 119 -4.30 -0.62 10.82
N LEU A 120 -5.19 0.16 10.23
CA LEU A 120 -6.60 -0.22 10.16
C LEU A 120 -6.83 -0.96 8.84
N VAL A 121 -7.34 -2.19 8.91
CA VAL A 121 -7.38 -3.07 7.75
C VAL A 121 -8.83 -3.49 7.50
N GLY A 122 -9.37 -3.11 6.33
CA GLY A 122 -10.66 -3.64 5.89
C GLY A 122 -10.48 -4.99 5.19
N THR A 123 -11.24 -5.99 5.64
CA THR A 123 -11.15 -7.33 5.08
C THR A 123 -12.37 -7.65 4.22
N LYS A 124 -12.25 -8.75 3.47
CA LYS A 124 -13.34 -9.25 2.63
C LYS A 124 -13.72 -8.23 1.56
N LEU A 125 -12.70 -7.58 1.00
CA LEU A 125 -12.94 -6.62 -0.08
C LEU A 125 -13.66 -7.26 -1.26
N ASP A 126 -13.46 -8.56 -1.48
CA ASP A 126 -14.15 -9.23 -2.59
C ASP A 126 -15.66 -9.24 -2.38
N LEU A 127 -16.12 -9.32 -1.13
CA LEU A 127 -17.57 -9.31 -0.91
C LEU A 127 -18.15 -7.91 -1.08
N LYS A 128 -17.41 -6.88 -0.63
CA LYS A 128 -17.78 -5.50 -0.92
C LYS A 128 -17.94 -5.25 -2.41
N LYS A 129 -17.14 -5.93 -3.24
CA LYS A 129 -17.15 -5.75 -4.68
C LYS A 129 -18.05 -6.75 -5.41
N ASP A 130 -18.63 -7.72 -4.71
CA ASP A 130 -19.46 -8.77 -5.30
C ASP A 130 -20.89 -8.25 -5.41
N GLU A 131 -21.35 -8.01 -6.64
CA GLU A 131 -22.67 -7.41 -6.85
C GLU A 131 -23.79 -8.27 -6.24
N GLU A 132 -23.67 -9.60 -6.35
CA GLU A 132 -24.72 -10.48 -5.82
C GLU A 132 -24.70 -10.47 -4.30
N TYR A 133 -23.51 -10.50 -3.69
CA TYR A 133 -23.43 -10.43 -2.23
C TYR A 133 -24.00 -9.11 -1.72
N VAL A 134 -23.64 -8.01 -2.37
CA VAL A 134 -24.14 -6.68 -1.98
C VAL A 134 -25.66 -6.65 -2.04
N LYS A 135 -26.25 -7.27 -3.05
CA LYS A 135 -27.71 -7.36 -3.13
C LYS A 135 -28.30 -8.08 -1.92
N LYS A 136 -27.74 -9.24 -1.59
CA LYS A 136 -28.26 -10.02 -0.47
C LYS A 136 -28.04 -9.29 0.85
N LEU A 137 -26.91 -8.61 0.99
CA LEU A 137 -26.65 -7.75 2.14
C LEU A 137 -27.70 -6.66 2.24
N LYS A 138 -28.08 -6.06 1.10
CA LYS A 138 -29.07 -4.99 1.11
C LYS A 138 -30.44 -5.51 1.56
N GLU A 139 -30.74 -6.78 1.31
CA GLU A 139 -32.01 -7.33 1.78
C GLU A 139 -32.11 -7.31 3.31
N LYS A 140 -30.98 -7.30 4.01
CA LYS A 140 -30.92 -7.17 5.46
C LYS A 140 -30.63 -5.74 5.89
N LYS A 141 -30.86 -4.76 5.00
CA LYS A 141 -30.72 -3.35 5.33
C LYS A 141 -29.29 -2.99 5.74
N ILE A 142 -28.31 -3.64 5.10
CA ILE A 142 -26.89 -3.36 5.33
C ILE A 142 -26.25 -2.99 3.99
N SER A 143 -25.31 -2.06 4.02
CA SER A 143 -24.47 -1.80 2.86
C SER A 143 -23.00 -1.89 3.28
N PRO A 144 -22.10 -2.09 2.32
CA PRO A 144 -20.68 -2.23 2.67
C PRO A 144 -20.10 -0.94 3.24
N VAL A 145 -19.03 -1.11 4.02
CA VAL A 145 -18.28 0.01 4.54
C VAL A 145 -17.61 0.72 3.38
N THR A 146 -17.83 2.03 3.27
CA THR A 146 -17.21 2.78 2.19
C THR A 146 -15.79 3.20 2.58
N THR A 147 -14.99 3.53 1.58
CA THR A 147 -13.64 4.01 1.88
C THR A 147 -13.70 5.33 2.64
N GLU A 148 -14.69 6.17 2.35
CA GLU A 148 -14.88 7.38 3.14
C GLU A 148 -15.07 7.04 4.61
N GLN A 149 -15.91 6.05 4.91
CA GLN A 149 -16.12 5.65 6.31
C GLN A 149 -14.85 5.03 6.91
N GLY A 150 -14.15 4.20 6.15
CA GLY A 150 -12.95 3.57 6.67
C GLY A 150 -11.86 4.59 6.97
N GLN A 151 -11.67 5.56 6.07
CA GLN A 151 -10.66 6.59 6.30
C GLN A 151 -11.06 7.49 7.48
N GLU A 152 -12.36 7.79 7.62
CA GLU A 152 -12.78 8.56 8.79
C GLU A 152 -12.42 7.83 10.09
N MET A 153 -12.63 6.51 10.11
CA MET A 153 -12.30 5.73 11.30
C MET A 153 -10.78 5.68 11.53
N LYS A 154 -10.01 5.59 10.46
CA LYS A 154 -8.55 5.67 10.58
C LYS A 154 -8.16 6.91 11.40
N ASP A 155 -8.70 8.06 11.03
CA ASP A 155 -8.41 9.28 11.75
C ASP A 155 -8.96 9.25 13.18
N LYS A 156 -10.15 8.68 13.35
CA LYS A 156 -10.77 8.66 14.68
C LYS A 156 -9.93 7.88 15.68
N ILE A 157 -9.33 6.77 15.26
CA ILE A 157 -8.50 5.97 16.16
C ILE A 157 -7.01 6.31 16.02
N LYS A 158 -6.67 7.32 15.21
CA LYS A 158 -5.29 7.76 15.03
C LYS A 158 -4.40 6.63 14.54
N ALA A 159 -4.91 5.82 13.61
CA ALA A 159 -4.10 4.77 12.99
C ALA A 159 -3.11 5.39 12.00
N CYS A 160 -1.95 4.75 11.84
CA CYS A 160 -0.90 5.24 10.94
C CYS A 160 -1.11 4.82 9.49
N GLY A 161 -2.11 4.01 9.20
CA GLY A 161 -2.40 3.63 7.82
C GLY A 161 -3.75 2.94 7.74
N TYR A 162 -4.24 2.81 6.50
CA TYR A 162 -5.52 2.18 6.22
C TYR A 162 -5.43 1.46 4.89
N ILE A 163 -6.02 0.28 4.79
CA ILE A 163 -6.01 -0.44 3.51
C ILE A 163 -7.20 -1.39 3.50
N GLU A 164 -7.72 -1.65 2.31
CA GLU A 164 -8.81 -2.61 2.09
C GLU A 164 -8.25 -3.78 1.29
N CYS A 165 -8.54 -5.02 1.72
CA CYS A 165 -7.90 -6.17 1.09
C CYS A 165 -8.84 -7.37 1.12
N SER A 166 -8.46 -8.43 0.41
CA SER A 166 -9.20 -9.70 0.39
C SER A 166 -8.23 -10.86 0.54
N ALA A 167 -8.40 -11.67 1.58
CA ALA A 167 -7.64 -12.90 1.66
C ALA A 167 -8.06 -13.91 0.59
N LYS A 168 -9.27 -13.77 0.05
CA LYS A 168 -9.78 -14.74 -0.90
C LYS A 168 -9.21 -14.52 -2.29
N THR A 169 -9.20 -13.27 -2.75
CA THR A 169 -8.65 -12.94 -4.06
C THR A 169 -7.19 -12.49 -4.00
N MET A 170 -6.66 -12.25 -2.81
CA MET A 170 -5.33 -11.68 -2.56
C MET A 170 -5.23 -10.20 -2.94
N GLU A 171 -6.33 -9.54 -3.30
CA GLU A 171 -6.27 -8.13 -3.66
C GLU A 171 -5.75 -7.32 -2.48
N ASN A 172 -4.63 -6.63 -2.70
CA ASN A 172 -3.96 -5.79 -1.70
C ASN A 172 -3.50 -6.56 -0.47
N LEU A 173 -3.44 -7.89 -0.54
CA LEU A 173 -3.15 -8.67 0.66
C LEU A 173 -1.70 -8.50 1.11
N THR A 174 -0.74 -8.79 0.21
CA THR A 174 0.66 -8.63 0.64
C THR A 174 1.00 -7.18 0.90
N GLU A 175 0.33 -6.25 0.22
CA GLU A 175 0.63 -4.84 0.47
C GLU A 175 0.12 -4.38 1.82
N ALA A 176 -0.91 -5.02 2.38
CA ALA A 176 -1.31 -4.67 3.74
C ALA A 176 -0.18 -4.98 4.71
N PHE A 177 0.50 -6.12 4.55
CA PHE A 177 1.61 -6.43 5.43
C PHE A 177 2.84 -5.58 5.09
N ASN A 178 3.04 -5.21 3.82
CA ASN A 178 4.13 -4.28 3.51
C ASN A 178 3.90 -2.94 4.19
N MET A 179 2.64 -2.51 4.26
CA MET A 179 2.29 -1.27 4.97
C MET A 179 2.62 -1.40 6.44
N ALA A 180 2.27 -2.52 7.08
CA ALA A 180 2.61 -2.72 8.48
C ALA A 180 4.11 -2.72 8.71
N ILE A 181 4.88 -3.38 7.83
CA ILE A 181 6.33 -3.40 7.97
C ILE A 181 6.90 -1.98 7.84
N ASP A 182 6.43 -1.22 6.85
CA ASP A 182 6.98 0.11 6.63
C ASP A 182 6.73 1.01 7.84
N ILE A 183 5.53 0.90 8.42
CA ILE A 183 5.20 1.71 9.58
C ILE A 183 6.08 1.33 10.78
N ALA A 184 6.26 0.02 11.02
CA ALA A 184 7.09 -0.42 12.14
C ALA A 184 8.54 0.02 11.95
N MET A 185 9.08 -0.13 10.74
CA MET A 185 10.49 0.21 10.51
C MET A 185 10.70 1.72 10.56
N LYS A 186 9.75 2.50 10.05
CA LYS A 186 9.91 3.95 10.12
C LYS A 186 9.83 4.44 11.55
N GLN A 187 8.98 3.82 12.38
CA GLN A 187 8.97 4.17 13.80
C GLN A 187 10.31 3.84 14.46
N ARG A 188 10.92 2.73 14.05
CA ARG A 188 12.20 2.33 14.59
C ARG A 188 13.29 3.30 14.18
N LEU A 189 13.22 3.78 12.95
CA LEU A 189 14.14 4.82 12.48
C LEU A 189 13.95 6.11 13.25
N LYS A 190 12.68 6.51 13.46
CA LYS A 190 12.40 7.74 14.19
C LYS A 190 12.93 7.69 15.61
N ASP A 191 12.91 6.51 16.23
CA ASP A 191 13.31 6.36 17.62
C ASP A 191 14.82 6.21 17.81
N ALA A 192 15.60 6.20 16.75
CA ALA A 192 17.03 5.99 16.85
C ALA A 192 17.76 7.29 17.16
N PRO A 193 18.93 7.22 17.78
CA PRO A 193 19.72 8.43 17.96
C PRO A 193 20.06 9.05 16.61
N PRO A 194 20.13 10.39 16.54
CA PRO A 194 20.49 11.08 15.29
C PRO A 194 21.93 10.82 14.87
N HIS B 8 -12.75 18.51 6.01
CA HIS B 8 -11.78 19.42 5.39
C HIS B 8 -11.44 18.98 3.97
N MET B 9 -10.69 19.83 3.27
CA MET B 9 -10.37 19.63 1.87
C MET B 9 -8.95 20.12 1.62
N GLU B 10 -8.13 19.27 1.00
CA GLU B 10 -6.76 19.59 0.68
C GLU B 10 -6.47 19.23 -0.77
N SER B 11 -5.59 20.04 -1.39
CA SER B 11 -5.04 19.78 -2.71
C SER B 11 -3.58 19.37 -2.58
N ILE B 12 -3.17 18.37 -3.37
CA ILE B 12 -1.76 18.01 -3.50
C ILE B 12 -1.44 17.88 -4.98
N LYS B 13 -0.23 18.27 -5.35
CA LYS B 13 0.25 18.14 -6.71
C LYS B 13 1.22 16.96 -6.78
N CYS B 14 0.97 16.05 -7.71
CA CYS B 14 1.77 14.84 -7.87
C CYS B 14 2.26 14.79 -9.31
N VAL B 15 3.59 14.73 -9.49
CA VAL B 15 4.22 14.75 -10.80
C VAL B 15 4.85 13.38 -11.07
N VAL B 16 4.62 12.85 -12.26
CA VAL B 16 5.03 11.50 -12.64
C VAL B 16 6.20 11.62 -13.60
N VAL B 17 7.35 11.05 -13.22
CA VAL B 17 8.54 11.06 -14.05
C VAL B 17 9.06 9.64 -14.23
N GLY B 18 10.00 9.48 -15.15
CA GLY B 18 10.59 8.20 -15.46
C GLY B 18 10.84 8.08 -16.96
N ASP B 19 11.62 7.06 -17.33
CA ASP B 19 12.05 6.89 -18.70
C ASP B 19 10.87 6.82 -19.66
N GLY B 20 11.13 7.14 -20.92
CA GLY B 20 10.11 6.94 -21.94
C GLY B 20 9.69 5.48 -22.01
N ALA B 21 8.39 5.26 -22.15
CA ALA B 21 7.75 3.97 -22.38
C ALA B 21 7.70 3.06 -21.16
N VAL B 22 8.00 3.57 -19.96
CA VAL B 22 7.82 2.74 -18.77
C VAL B 22 6.34 2.62 -18.38
N GLY B 23 5.48 3.51 -18.88
CA GLY B 23 4.06 3.38 -18.59
C GLY B 23 3.44 4.51 -17.80
N LYS B 24 4.07 5.70 -17.84
CA LYS B 24 3.59 6.83 -17.05
C LYS B 24 2.18 7.23 -17.45
N THR B 25 1.96 7.38 -18.76
CA THR B 25 0.66 7.87 -19.22
C THR B 25 -0.43 6.82 -18.98
N ALA B 26 -0.11 5.54 -19.23
CA ALA B 26 -1.09 4.48 -18.97
C ALA B 26 -1.45 4.42 -17.49
N LEU B 27 -0.45 4.60 -16.62
CA LEU B 27 -0.71 4.65 -15.19
C LEU B 27 -1.72 5.74 -14.84
N LEU B 28 -1.53 6.93 -15.41
CA LEU B 28 -2.41 8.05 -15.10
C LEU B 28 -3.80 7.86 -15.71
N ILE B 29 -3.87 7.36 -16.95
CA ILE B 29 -5.18 7.11 -17.54
C ILE B 29 -5.92 6.02 -16.79
N ALA B 30 -5.21 4.96 -16.39
CA ALA B 30 -5.87 3.88 -15.66
C ALA B 30 -6.39 4.36 -14.31
N TYR B 31 -5.60 5.15 -13.59
CA TYR B 31 -6.05 5.72 -12.32
C TYR B 31 -7.22 6.68 -12.53
N SER B 32 -7.14 7.54 -13.55
CA SER B 32 -8.14 8.57 -13.77
C SER B 32 -9.47 7.97 -14.22
N SER B 33 -9.45 7.04 -15.16
CA SER B 33 -10.67 6.53 -15.77
C SER B 33 -11.01 5.09 -15.38
N GLY B 34 -10.11 4.38 -14.69
CA GLY B 34 -10.35 3.00 -14.35
C GLY B 34 -10.21 2.02 -15.49
N CYS B 35 -9.82 2.47 -16.69
CA CYS B 35 -9.71 1.62 -17.85
C CYS B 35 -8.31 1.75 -18.44
N PHE B 36 -7.67 0.62 -18.70
CA PHE B 36 -6.36 0.62 -19.33
C PHE B 36 -6.51 0.96 -20.81
N PRO B 37 -5.78 1.95 -21.32
CA PRO B 37 -5.93 2.32 -22.73
C PRO B 37 -5.27 1.31 -23.65
N GLU B 38 -6.00 0.27 -24.04
CA GLU B 38 -5.39 -0.81 -24.82
C GLU B 38 -5.12 -0.35 -26.26
N ASP B 39 -6.15 0.16 -26.93
CA ASP B 39 -6.04 0.43 -28.37
C ASP B 39 -5.04 1.53 -28.67
N TYR B 40 -4.92 2.54 -27.80
CA TYR B 40 -4.02 3.65 -28.07
C TYR B 40 -3.75 4.39 -26.75
N VAL B 41 -2.49 4.78 -26.56
CA VAL B 41 -2.08 5.59 -25.42
C VAL B 41 -1.74 6.98 -25.95
N PRO B 42 -2.39 8.03 -25.45
CA PRO B 42 -2.08 9.39 -25.93
C PRO B 42 -0.62 9.77 -25.81
N THR B 43 -0.01 10.13 -26.94
CA THR B 43 1.32 10.71 -26.92
C THR B 43 1.33 12.05 -26.21
N VAL B 44 0.16 12.69 -26.07
CA VAL B 44 0.07 13.95 -25.35
C VAL B 44 0.47 13.74 -23.89
N PHE B 45 0.95 14.81 -23.27
CA PHE B 45 1.30 14.82 -21.86
C PHE B 45 0.29 15.73 -21.18
N ASP B 46 -0.70 15.12 -20.53
CA ASP B 46 -1.88 15.82 -20.07
C ASP B 46 -1.90 15.98 -18.56
N ASN B 47 -2.93 16.68 -18.08
CA ASN B 47 -3.33 16.80 -16.69
C ASN B 47 -4.44 15.82 -16.41
N TYR B 48 -4.49 15.32 -15.16
CA TYR B 48 -5.55 14.43 -14.69
C TYR B 48 -5.90 14.80 -13.25
N ASN B 49 -7.08 14.39 -12.79
CA ASN B 49 -7.51 14.81 -11.47
C ASN B 49 -8.46 13.80 -10.86
N LYS B 50 -8.49 13.76 -9.52
CA LYS B 50 -9.33 12.81 -8.79
C LYS B 50 -9.49 13.27 -7.35
N ASN B 51 -10.68 13.10 -6.78
CA ASN B 51 -10.91 13.41 -5.38
C ASN B 51 -11.00 12.11 -4.57
N ILE B 52 -10.21 12.03 -3.50
CA ILE B 52 -9.95 10.78 -2.76
C ILE B 52 -10.22 10.97 -1.27
N PRO B 53 -10.94 10.06 -0.60
CA PRO B 53 -11.07 10.19 0.86
C PRO B 53 -9.72 9.99 1.54
N TYR B 54 -9.44 10.84 2.53
CA TYR B 54 -8.20 10.72 3.30
C TYR B 54 -8.48 11.23 4.70
N GLY B 55 -8.38 10.34 5.69
CA GLY B 55 -8.77 10.71 7.04
C GLY B 55 -10.21 11.16 7.06
N ASP B 56 -10.47 12.19 7.87
CA ASP B 56 -11.80 12.76 7.98
C ASP B 56 -12.05 13.84 6.91
N GLY B 57 -11.50 13.68 5.73
CA GLY B 57 -11.64 14.67 4.70
C GLY B 57 -11.36 14.08 3.33
N ILE B 58 -11.10 14.98 2.38
CA ILE B 58 -10.94 14.63 0.97
C ILE B 58 -9.66 15.29 0.48
N VAL B 59 -8.84 14.52 -0.23
CA VAL B 59 -7.68 15.08 -0.92
C VAL B 59 -8.00 15.16 -2.40
N SER B 60 -7.81 16.34 -2.97
CA SER B 60 -7.92 16.51 -4.42
C SER B 60 -6.52 16.40 -4.99
N ILE B 61 -6.20 15.28 -5.62
CA ILE B 61 -4.86 15.07 -6.16
C ILE B 61 -4.83 15.52 -7.62
N ALA B 62 -3.92 16.45 -7.92
CA ALA B 62 -3.70 16.90 -9.29
C ALA B 62 -2.49 16.15 -9.83
N LEU B 63 -2.68 15.47 -10.97
CA LEU B 63 -1.69 14.56 -11.53
C LEU B 63 -1.13 15.13 -12.82
N TYR B 64 0.20 15.22 -12.91
CA TYR B 64 0.89 15.83 -14.04
C TYR B 64 1.77 14.80 -14.73
N ASP B 65 1.54 14.60 -16.02
CA ASP B 65 2.35 13.73 -16.85
C ASP B 65 3.55 14.52 -17.39
N THR B 66 4.63 13.82 -17.72
CA THR B 66 5.85 14.47 -18.23
C THR B 66 6.42 13.69 -19.41
N ALA B 67 7.26 14.38 -20.18
CA ALA B 67 7.98 13.78 -21.29
C ALA B 67 9.36 13.38 -20.79
N GLY B 68 9.62 12.08 -20.72
CA GLY B 68 10.80 11.55 -20.06
C GLY B 68 12.08 11.54 -20.88
N GLN B 69 12.02 11.73 -22.18
CA GLN B 69 13.23 11.53 -22.98
C GLN B 69 14.19 12.71 -22.81
N GLU B 70 15.47 12.45 -23.15
CA GLU B 70 16.54 13.40 -22.89
C GLU B 70 16.33 14.72 -23.64
N ASP B 71 15.66 14.67 -24.79
CA ASP B 71 15.39 15.90 -25.55
C ASP B 71 14.65 16.94 -24.74
N TYR B 72 13.98 16.54 -23.65
CA TYR B 72 13.18 17.47 -22.86
CA TYR B 72 13.18 17.46 -22.86
C TYR B 72 13.82 17.81 -21.53
N ASP B 73 15.12 17.52 -21.36
CA ASP B 73 15.76 17.76 -20.08
C ASP B 73 15.63 19.21 -19.64
N ARG B 74 15.69 20.17 -20.57
CA ARG B 74 15.67 21.57 -20.17
C ARG B 74 14.27 22.06 -19.81
N LEU B 75 13.22 21.52 -20.45
CA LEU B 75 11.89 22.06 -20.24
C LEU B 75 11.03 21.23 -19.29
N ARG B 76 11.28 19.94 -19.17
CA ARG B 76 10.52 19.11 -18.24
C ARG B 76 10.43 19.71 -16.83
N PRO B 77 11.50 20.23 -16.22
CA PRO B 77 11.38 20.73 -14.84
C PRO B 77 10.50 21.97 -14.69
N LEU B 78 10.02 22.56 -15.78
CA LEU B 78 9.07 23.66 -15.66
C LEU B 78 7.78 23.22 -14.97
N SER B 79 7.50 21.91 -14.95
CA SER B 79 6.31 21.37 -14.30
C SER B 79 6.48 21.18 -12.80
N TYR B 80 7.68 21.34 -12.28
CA TYR B 80 8.00 20.89 -10.92
C TYR B 80 7.63 21.84 -9.78
N PRO B 81 7.59 23.17 -9.97
CA PRO B 81 7.30 24.05 -8.82
C PRO B 81 6.03 23.66 -8.08
N ASP B 82 6.13 23.68 -6.76
CA ASP B 82 5.01 23.43 -5.84
C ASP B 82 4.51 22.00 -5.89
N THR B 83 5.38 21.07 -6.30
CA THR B 83 5.01 19.65 -6.25
C THR B 83 5.08 19.14 -4.82
N ASP B 84 4.06 18.34 -4.44
CA ASP B 84 4.02 17.75 -3.10
C ASP B 84 4.62 16.36 -3.05
N VAL B 85 4.58 15.61 -4.15
CA VAL B 85 5.17 14.28 -4.18
C VAL B 85 5.44 13.93 -5.64
N PHE B 86 6.57 13.25 -5.88
CA PHE B 86 6.92 12.72 -7.19
C PHE B 86 6.75 11.21 -7.19
N LEU B 87 6.19 10.69 -8.28
CA LEU B 87 6.27 9.26 -8.59
C LEU B 87 7.42 9.07 -9.55
N VAL B 88 8.43 8.31 -9.13
CA VAL B 88 9.55 7.97 -10.00
C VAL B 88 9.29 6.55 -10.50
N CYS B 89 9.03 6.42 -11.80
CA CYS B 89 8.53 5.19 -12.40
C CYS B 89 9.62 4.47 -13.18
N PHE B 90 9.65 3.15 -13.06
CA PHE B 90 10.51 2.30 -13.87
C PHE B 90 9.68 1.08 -14.25
N SER B 91 10.03 0.44 -15.35
CA SER B 91 9.34 -0.76 -15.80
C SER B 91 9.94 -2.00 -15.16
N LEU B 92 9.08 -2.87 -14.61
CA LEU B 92 9.58 -4.10 -13.98
C LEU B 92 10.12 -5.10 -14.99
N GLU B 93 9.93 -4.86 -16.28
CA GLU B 93 10.54 -5.67 -17.34
C GLU B 93 11.82 -5.05 -17.88
N ASN B 94 12.31 -3.96 -17.29
CA ASN B 94 13.41 -3.17 -17.87
C ASN B 94 14.36 -2.72 -16.78
N PRO B 95 15.35 -3.55 -16.43
CA PRO B 95 16.29 -3.15 -15.36
C PRO B 95 17.02 -1.85 -15.65
N ASN B 96 17.32 -1.55 -16.92
CA ASN B 96 17.99 -0.30 -17.22
C ASN B 96 17.15 0.89 -16.74
N SER B 97 15.81 0.79 -16.85
CA SER B 97 14.97 1.89 -16.40
C SER B 97 15.03 2.05 -14.89
N LEU B 98 15.30 0.96 -14.16
CA LEU B 98 15.48 1.08 -12.72
C LEU B 98 16.77 1.80 -12.39
N GLU B 99 17.87 1.41 -13.04
CA GLU B 99 19.14 2.10 -12.83
C GLU B 99 19.01 3.59 -13.09
N ASN B 100 18.27 3.98 -14.14
CA ASN B 100 18.07 5.39 -14.46
C ASN B 100 17.32 6.13 -13.36
N CYS B 101 16.60 5.43 -12.48
CA CYS B 101 15.99 6.12 -11.35
C CYS B 101 17.03 6.77 -10.45
N HIS B 102 18.24 6.21 -10.39
CA HIS B 102 19.30 6.85 -9.62
C HIS B 102 20.19 7.75 -10.50
N SER B 103 20.57 7.29 -11.68
CA SER B 103 21.51 8.07 -12.48
C SER B 103 20.87 9.32 -13.10
N LYS B 104 19.56 9.30 -13.33
CA LYS B 104 18.89 10.46 -13.92
C LYS B 104 17.82 11.04 -12.99
N TRP B 105 16.80 10.27 -12.60
CA TRP B 105 15.60 10.89 -12.05
C TRP B 105 15.82 11.43 -10.65
N ALA B 106 16.46 10.66 -9.77
CA ALA B 106 16.72 11.17 -8.43
C ALA B 106 17.58 12.42 -8.47
N GLU B 107 18.61 12.43 -9.32
CA GLU B 107 19.48 13.60 -9.41
C GLU B 107 18.70 14.82 -9.85
N GLU B 108 17.82 14.65 -10.85
CA GLU B 108 17.06 15.79 -11.36
C GLU B 108 16.08 16.31 -10.32
N LEU B 109 15.36 15.42 -9.63
CA LEU B 109 14.39 15.88 -8.62
C LEU B 109 15.10 16.53 -7.44
N LYS B 110 16.25 16.00 -7.04
CA LYS B 110 17.00 16.60 -5.94
C LYS B 110 17.50 17.99 -6.31
N HIS B 111 17.81 18.23 -7.59
CA HIS B 111 18.31 19.54 -7.99
C HIS B 111 17.22 20.60 -7.89
N TYR B 112 16.03 20.31 -8.44
CA TYR B 112 14.98 21.30 -8.51
C TYR B 112 14.13 21.33 -7.24
N ASN B 113 13.90 20.17 -6.62
CA ASN B 113 12.96 20.02 -5.51
C ASN B 113 13.60 19.18 -4.40
N PRO B 114 14.63 19.71 -3.74
CA PRO B 114 15.37 18.88 -2.76
C PRO B 114 14.51 18.37 -1.62
N ASP B 115 13.46 19.08 -1.24
CA ASP B 115 12.65 18.69 -0.08
C ASP B 115 11.40 17.92 -0.46
N THR B 116 11.21 17.58 -1.74
CA THR B 116 9.94 16.95 -2.11
C THR B 116 10.07 15.43 -2.05
N PRO B 117 9.17 14.75 -1.36
CA PRO B 117 9.27 13.29 -1.26
C PRO B 117 9.02 12.59 -2.58
N ILE B 118 9.59 11.40 -2.70
CA ILE B 118 9.53 10.55 -3.88
C ILE B 118 8.92 9.21 -3.49
N VAL B 119 8.04 8.69 -4.35
CA VAL B 119 7.62 7.29 -4.32
C VAL B 119 8.23 6.59 -5.52
N LEU B 120 8.88 5.45 -5.30
CA LEU B 120 9.46 4.68 -6.39
C LEU B 120 8.44 3.63 -6.85
N VAL B 121 8.04 3.69 -8.12
CA VAL B 121 6.91 2.90 -8.61
C VAL B 121 7.39 1.99 -9.73
N GLY B 122 7.28 0.68 -9.52
CA GLY B 122 7.52 -0.28 -10.58
C GLY B 122 6.24 -0.54 -11.36
N THR B 123 6.32 -0.41 -12.68
CA THR B 123 5.15 -0.57 -13.55
C THR B 123 5.19 -1.91 -14.27
N LYS B 124 4.06 -2.24 -14.91
CA LYS B 124 3.94 -3.44 -15.74
C LYS B 124 4.17 -4.73 -14.94
N LEU B 125 3.67 -4.73 -13.70
CA LEU B 125 3.79 -5.92 -12.86
C LEU B 125 3.22 -7.17 -13.55
N ASP B 126 2.20 -7.01 -14.40
CA ASP B 126 1.60 -8.17 -15.06
C ASP B 126 2.60 -8.89 -15.95
N LEU B 127 3.54 -8.16 -16.54
CA LEU B 127 4.57 -8.77 -17.38
C LEU B 127 5.58 -9.51 -16.53
N LYS B 128 5.97 -8.93 -15.39
CA LYS B 128 6.87 -9.62 -14.46
C LYS B 128 6.27 -10.93 -13.98
N LYS B 129 4.94 -10.99 -13.84
CA LYS B 129 4.28 -12.18 -13.35
C LYS B 129 3.89 -13.15 -14.45
N ASP B 130 4.11 -12.81 -15.72
CA ASP B 130 3.73 -13.64 -16.86
C ASP B 130 4.90 -14.54 -17.20
N GLU B 131 4.78 -15.84 -16.89
CA GLU B 131 5.91 -16.75 -17.08
C GLU B 131 6.33 -16.86 -18.55
N GLU B 132 5.36 -16.82 -19.48
CA GLU B 132 5.72 -16.92 -20.89
C GLU B 132 6.44 -15.66 -21.36
N TYR B 133 5.98 -14.49 -20.91
CA TYR B 133 6.68 -13.25 -21.24
C TYR B 133 8.09 -13.26 -20.70
N VAL B 134 8.27 -13.76 -19.47
CA VAL B 134 9.59 -13.76 -18.87
C VAL B 134 10.51 -14.73 -19.61
N LYS B 135 10.01 -15.91 -19.95
CA LYS B 135 10.79 -16.84 -20.75
C LYS B 135 11.28 -16.19 -22.04
N LYS B 136 10.43 -15.42 -22.70
CA LYS B 136 10.84 -14.75 -23.92
C LYS B 136 11.82 -13.61 -23.64
N LEU B 137 11.68 -12.93 -22.51
CA LEU B 137 12.69 -11.95 -22.11
C LEU B 137 14.05 -12.60 -21.96
N LYS B 138 14.10 -13.79 -21.35
CA LYS B 138 15.38 -14.46 -21.10
C LYS B 138 16.13 -14.71 -22.40
N GLU B 139 15.41 -15.12 -23.46
CA GLU B 139 16.05 -15.35 -24.75
C GLU B 139 16.65 -14.08 -25.33
N LYS B 140 16.17 -12.90 -24.92
CA LYS B 140 16.77 -11.63 -25.27
C LYS B 140 17.75 -11.13 -24.21
N LYS B 141 18.20 -12.02 -23.32
CA LYS B 141 19.23 -11.72 -22.31
C LYS B 141 18.76 -10.66 -21.31
N ILE B 142 17.48 -10.66 -20.98
CA ILE B 142 16.92 -9.72 -20.02
C ILE B 142 16.10 -10.48 -18.99
N SER B 143 16.28 -10.13 -17.71
CA SER B 143 15.49 -10.65 -16.60
C SER B 143 14.71 -9.53 -15.93
N PRO B 144 13.53 -9.83 -15.41
CA PRO B 144 12.71 -8.78 -14.77
C PRO B 144 13.35 -8.28 -13.49
N VAL B 145 12.90 -7.09 -13.06
CA VAL B 145 13.38 -6.51 -11.81
C VAL B 145 12.78 -7.26 -10.64
N THR B 146 13.63 -7.64 -9.69
CA THR B 146 13.14 -8.32 -8.50
C THR B 146 12.75 -7.30 -7.44
N THR B 147 11.87 -7.73 -6.53
CA THR B 147 11.48 -6.83 -5.45
C THR B 147 12.68 -6.48 -4.57
N GLU B 148 13.59 -7.42 -4.38
CA GLU B 148 14.83 -7.13 -3.67
C GLU B 148 15.58 -5.97 -4.34
N GLN B 149 15.68 -6.01 -5.67
CA GLN B 149 16.36 -4.93 -6.40
C GLN B 149 15.61 -3.62 -6.29
N GLY B 150 14.28 -3.67 -6.33
CA GLY B 150 13.49 -2.46 -6.22
C GLY B 150 13.60 -1.81 -4.86
N GLN B 151 13.51 -2.62 -3.80
CA GLN B 151 13.66 -2.09 -2.44
C GLN B 151 15.05 -1.54 -2.21
N GLU B 152 16.07 -2.18 -2.80
CA GLU B 152 17.42 -1.65 -2.70
C GLU B 152 17.51 -0.26 -3.33
N MET B 153 16.92 -0.09 -4.51
CA MET B 153 16.94 1.22 -5.16
C MET B 153 16.13 2.24 -4.39
N LYS B 154 15.04 1.80 -3.73
CA LYS B 154 14.28 2.72 -2.87
C LYS B 154 15.18 3.37 -1.83
N ASP B 155 16.01 2.56 -1.15
CA ASP B 155 16.95 3.12 -0.18
C ASP B 155 18.03 3.94 -0.88
N LYS B 156 18.49 3.49 -2.05
CA LYS B 156 19.58 4.19 -2.73
C LYS B 156 19.20 5.61 -3.09
N ILE B 157 17.94 5.84 -3.50
CA ILE B 157 17.48 7.18 -3.84
C ILE B 157 16.73 7.84 -2.69
N LYS B 158 16.71 7.21 -1.52
CA LYS B 158 16.06 7.77 -0.32
C LYS B 158 14.58 8.08 -0.59
N ALA B 159 13.92 7.21 -1.36
CA ALA B 159 12.50 7.36 -1.59
C ALA B 159 11.72 7.02 -0.34
N CYS B 160 10.54 7.62 -0.20
CA CYS B 160 9.69 7.41 0.97
C CYS B 160 8.80 6.18 0.84
N GLY B 161 8.75 5.56 -0.32
CA GLY B 161 7.92 4.38 -0.49
C GLY B 161 8.30 3.66 -1.77
N TYR B 162 7.85 2.41 -1.86
CA TYR B 162 8.07 1.56 -3.02
C TYR B 162 6.83 0.69 -3.24
N ILE B 163 6.42 0.53 -4.50
CA ILE B 163 5.28 -0.34 -4.79
C ILE B 163 5.41 -0.84 -6.23
N GLU B 164 4.90 -2.04 -6.49
CA GLU B 164 4.87 -2.61 -7.82
C GLU B 164 3.41 -2.70 -8.27
N CYS B 165 3.11 -2.22 -9.48
CA CYS B 165 1.72 -2.20 -9.92
C CYS B 165 1.60 -2.50 -11.41
N SER B 166 0.35 -2.67 -11.85
CA SER B 166 0.03 -2.87 -13.25
C SER B 166 -1.15 -1.97 -13.64
N ALA B 167 -0.92 -1.08 -14.61
CA ALA B 167 -2.02 -0.33 -15.18
C ALA B 167 -2.97 -1.22 -15.97
N LYS B 168 -2.46 -2.35 -16.48
CA LYS B 168 -3.28 -3.22 -17.33
C LYS B 168 -4.30 -4.02 -16.52
N THR B 169 -3.84 -4.64 -15.42
CA THR B 169 -4.71 -5.44 -14.59
C THR B 169 -5.26 -4.68 -13.38
N MET B 170 -4.75 -3.48 -13.11
CA MET B 170 -5.06 -2.64 -11.96
CA MET B 170 -5.06 -2.64 -11.96
C MET B 170 -4.45 -3.17 -10.66
N GLU B 171 -3.64 -4.23 -10.72
CA GLU B 171 -3.02 -4.75 -9.50
C GLU B 171 -2.20 -3.67 -8.82
N ASN B 172 -2.60 -3.32 -7.59
CA ASN B 172 -1.94 -2.32 -6.74
C ASN B 172 -1.97 -0.92 -7.34
N LEU B 173 -2.82 -0.67 -8.34
CA LEU B 173 -2.78 0.61 -9.04
C LEU B 173 -3.31 1.75 -8.17
N THR B 174 -4.53 1.61 -7.63
CA THR B 174 -5.03 2.71 -6.80
C THR B 174 -4.25 2.80 -5.50
N GLU B 175 -3.71 1.67 -5.01
CA GLU B 175 -2.88 1.71 -3.80
C GLU B 175 -1.59 2.48 -4.02
N ALA B 176 -1.04 2.44 -5.23
CA ALA B 176 0.15 3.24 -5.52
C ALA B 176 -0.12 4.72 -5.29
N PHE B 177 -1.26 5.22 -5.76
CA PHE B 177 -1.57 6.63 -5.55
C PHE B 177 -1.99 6.92 -4.12
N ASN B 178 -2.62 5.96 -3.43
CA ASN B 178 -2.88 6.15 -2.00
C ASN B 178 -1.57 6.28 -1.24
N MET B 179 -0.54 5.51 -1.63
CA MET B 179 0.76 5.63 -0.99
C MET B 179 1.33 7.03 -1.22
N ALA B 180 1.22 7.54 -2.44
CA ALA B 180 1.72 8.89 -2.75
C ALA B 180 0.95 9.95 -1.95
N ILE B 181 -0.37 9.78 -1.81
CA ILE B 181 -1.17 10.76 -1.08
C ILE B 181 -0.78 10.76 0.39
N ASP B 182 -0.65 9.57 0.98
CA ASP B 182 -0.28 9.48 2.39
C ASP B 182 1.07 10.13 2.65
N ILE B 183 2.05 9.85 1.79
CA ILE B 183 3.36 10.46 1.93
C ILE B 183 3.28 11.98 1.82
N ALA B 184 2.55 12.48 0.81
CA ALA B 184 2.46 13.93 0.65
C ALA B 184 1.77 14.58 1.84
N MET B 185 0.69 13.97 2.34
CA MET B 185 -0.05 14.60 3.43
C MET B 185 0.72 14.54 4.74
N LYS B 186 1.43 13.44 4.98
CA LYS B 186 2.22 13.34 6.20
C LYS B 186 3.37 14.33 6.19
N GLN B 187 3.98 14.52 5.02
CA GLN B 187 5.02 15.55 4.89
C GLN B 187 4.45 16.93 5.19
N ARG B 188 3.30 17.25 4.58
CA ARG B 188 2.66 18.54 4.80
C ARG B 188 2.35 18.75 6.28
N LEU B 189 1.84 17.72 6.96
CA LEU B 189 1.58 17.83 8.39
C LEU B 189 2.87 18.07 9.17
N LYS B 190 3.96 17.42 8.76
CA LYS B 190 5.24 17.66 9.41
C LYS B 190 5.68 19.11 9.23
N ASP B 191 5.32 19.72 8.11
CA ASP B 191 5.63 21.12 7.85
C ASP B 191 4.43 22.00 8.18
#